data_6E8R
#
_entry.id   6E8R
#
_cell.length_a   90.877
_cell.length_b   46.004
_cell.length_c   134.207
_cell.angle_alpha   90.00
_cell.angle_beta   105.59
_cell.angle_gamma   90.00
#
_symmetry.space_group_name_H-M   'I 1 2 1'
#
loop_
_entity.id
_entity.type
_entity.pdbx_description
1 polymer 'Sorting nexin-32'
2 polymer IncE
3 water water
#
loop_
_entity_poly.entity_id
_entity_poly.type
_entity_poly.pdbx_seq_one_letter_code
_entity_poly.pdbx_strand_id
1 'polypeptide(L)'
;SVDLQGDSSLQVEISDAVSERDKVKFTVQTKSCLPHFAQTEFSVVRQHEEFIWLHDAYVENEEYAGLIIPPAPPRPDFEA
SREKLQKLGEGDSSVTREEFAKMKQELEAEYLAIFKKTVAMHEVFLQRLAAHPTLRRDHNFFVFLEYGQD
;
A,B
2 'polypeptide(L)' PANGPAVQFFKGKNGSADQVILVTQ C,D
#
# COMPACT_ATOMS: atom_id res chain seq x y z
N SER A 8 -3.21 -19.23 8.44
CA SER A 8 -4.19 -18.89 9.49
C SER A 8 -4.54 -17.38 9.50
N SER A 9 -3.63 -16.52 9.03
CA SER A 9 -3.86 -15.07 9.02
C SER A 9 -5.07 -14.67 8.16
N LEU A 10 -5.77 -13.64 8.61
CA LEU A 10 -6.82 -13.04 7.79
C LEU A 10 -6.91 -11.54 8.07
N GLN A 11 -6.58 -10.73 7.07
CA GLN A 11 -6.65 -9.28 7.17
C GLN A 11 -7.56 -8.77 6.07
N VAL A 12 -8.49 -7.91 6.46
CA VAL A 12 -9.49 -7.37 5.55
C VAL A 12 -9.57 -5.89 5.76
N GLU A 13 -9.71 -5.16 4.66
CA GLU A 13 -9.99 -3.74 4.80
C GLU A 13 -10.76 -3.26 3.58
N ILE A 14 -11.19 -2.00 3.61
CA ILE A 14 -11.90 -1.37 2.50
C ILE A 14 -11.01 -0.28 1.92
N SER A 15 -10.72 -0.38 0.62
CA SER A 15 -9.72 0.50 0.03
C SER A 15 -10.38 1.72 -0.57
N ASP A 16 -11.59 1.56 -1.04
CA ASP A 16 -12.29 2.59 -1.77
C ASP A 16 -13.77 2.23 -1.87
N ALA A 17 -14.56 3.17 -2.35
CA ALA A 17 -16.01 3.07 -2.39
C ALA A 17 -16.55 4.07 -3.41
N VAL A 18 -17.76 3.79 -3.91
CA VAL A 18 -18.42 4.69 -4.86
C VAL A 18 -19.88 4.78 -4.49
N SER A 19 -20.38 5.99 -4.52
CA SER A 19 -21.77 6.28 -4.33
C SER A 19 -22.36 6.58 -5.70
N GLU A 20 -23.29 5.77 -6.12
CA GLU A 20 -24.00 5.94 -7.37
C GLU A 20 -25.39 6.47 -7.08
N ARG A 21 -26.20 6.53 -8.12
CA ARG A 21 -27.52 7.13 -7.98
C ARG A 21 -28.27 6.49 -6.84
N ASP A 22 -28.39 5.16 -6.87
CA ASP A 22 -29.18 4.45 -5.88
C ASP A 22 -28.35 3.51 -5.03
N LYS A 23 -27.05 3.35 -5.32
CA LYS A 23 -26.28 2.29 -4.68
C LYS A 23 -24.99 2.84 -4.10
N VAL A 24 -24.50 2.11 -3.09
CA VAL A 24 -23.18 2.31 -2.54
C VAL A 24 -22.43 1.01 -2.65
N LYS A 25 -21.24 1.08 -3.22
CA LYS A 25 -20.35 -0.05 -3.36
C LYS A 25 -19.05 0.17 -2.61
N PHE A 26 -18.59 -0.87 -1.93
CA PHE A 26 -17.33 -0.85 -1.20
C PHE A 26 -16.41 -1.89 -1.79
N THR A 27 -15.15 -1.55 -1.97
CA THR A 27 -14.14 -2.48 -2.43
C THR A 27 -13.48 -3.08 -1.22
N VAL A 28 -13.63 -4.40 -1.04
CA VAL A 28 -13.15 -5.16 0.10
C VAL A 28 -11.88 -5.90 -0.30
N GLN A 29 -10.79 -5.62 0.41
CA GLN A 29 -9.49 -6.21 0.17
C GLN A 29 -9.22 -7.23 1.25
N THR A 30 -8.67 -8.34 0.84
CA THR A 30 -8.36 -9.42 1.74
C THR A 30 -6.94 -9.85 1.46
N LYS A 31 -6.19 -10.02 2.53
CA LYS A 31 -4.88 -10.66 2.49
C LYS A 31 -4.98 -11.87 3.39
N SER A 32 -4.61 -13.05 2.88
CA SER A 32 -4.76 -14.23 3.74
C SER A 32 -3.88 -15.40 3.29
N CYS A 33 -3.41 -16.15 4.28
CA CYS A 33 -2.66 -17.39 4.05
C CYS A 33 -3.54 -18.63 4.11
N LEU A 34 -4.82 -18.48 4.33
CA LEU A 34 -5.67 -19.64 4.50
C LEU A 34 -5.78 -20.40 3.19
N PRO A 35 -5.63 -21.72 3.22
CA PRO A 35 -5.54 -22.51 1.98
C PRO A 35 -6.82 -22.54 1.17
N HIS A 36 -7.96 -22.24 1.79
CA HIS A 36 -9.24 -22.29 1.08
C HIS A 36 -9.29 -21.30 -0.06
N PHE A 37 -8.58 -20.16 0.07
CA PHE A 37 -8.66 -19.12 -0.95
C PHE A 37 -7.80 -19.45 -2.17
N ALA A 38 -8.28 -19.02 -3.33
CA ALA A 38 -7.55 -19.21 -4.58
C ALA A 38 -6.24 -18.45 -4.59
N GLN A 39 -6.21 -17.26 -3.98
CA GLN A 39 -5.05 -16.36 -4.02
C GLN A 39 -4.87 -15.78 -2.63
N THR A 40 -3.65 -15.32 -2.31
CA THR A 40 -3.38 -14.80 -0.98
C THR A 40 -3.82 -13.34 -0.83
N GLU A 41 -3.92 -12.61 -1.93
CA GLU A 41 -4.38 -11.22 -1.93
C GLU A 41 -5.38 -11.03 -3.05
N PHE A 42 -6.54 -10.49 -2.71
CA PHE A 42 -7.62 -10.37 -3.66
C PHE A 42 -8.55 -9.29 -3.17
N SER A 43 -9.48 -8.94 -4.09
CA SER A 43 -10.45 -7.87 -3.95
C SER A 43 -11.80 -8.29 -4.50
N VAL A 44 -12.86 -7.71 -3.94
CA VAL A 44 -14.22 -7.82 -4.47
C VAL A 44 -14.92 -6.50 -4.21
N VAL A 45 -15.99 -6.28 -4.97
CA VAL A 45 -16.91 -5.17 -4.79
C VAL A 45 -18.17 -5.69 -4.10
N ARG A 46 -18.66 -4.94 -3.10
CA ARG A 46 -19.84 -5.33 -2.35
C ARG A 46 -20.71 -4.12 -2.05
N GLN A 47 -21.96 -4.20 -2.45
CA GLN A 47 -22.95 -3.25 -2.01
C GLN A 47 -23.29 -3.42 -0.51
N HIS A 48 -23.78 -2.33 0.08
CA HIS A 48 -24.23 -2.33 1.45
C HIS A 48 -25.08 -3.57 1.81
N GLU A 49 -26.11 -3.88 0.99
CA GLU A 49 -27.04 -5.02 1.15
C GLU A 49 -26.34 -6.30 1.57
N GLU A 50 -25.21 -6.55 0.93
CA GLU A 50 -24.53 -7.82 1.11
C GLU A 50 -23.87 -7.89 2.51
N PHE A 51 -23.41 -6.75 3.05
CA PHE A 51 -22.99 -6.76 4.47
C PHE A 51 -24.14 -7.21 5.35
N ILE A 52 -25.37 -6.84 4.96
CA ILE A 52 -26.52 -7.12 5.81
C ILE A 52 -26.93 -8.56 5.69
N TRP A 53 -26.88 -9.08 4.46
CA TRP A 53 -27.09 -10.51 4.26
C TRP A 53 -26.12 -11.32 5.10
N LEU A 54 -24.85 -10.97 5.07
CA LEU A 54 -23.87 -11.70 5.84
C LEU A 54 -24.15 -11.59 7.35
N HIS A 55 -24.53 -10.40 7.81
CA HIS A 55 -24.85 -10.23 9.23
C HIS A 55 -26.07 -11.04 9.62
N ASP A 56 -27.14 -10.94 8.83
CA ASP A 56 -28.34 -11.66 9.19
C ASP A 56 -28.09 -13.17 9.17
N ALA A 57 -27.22 -13.64 8.28
CA ALA A 57 -26.97 -15.08 8.20
C ALA A 57 -26.22 -15.59 9.42
N TYR A 58 -25.34 -14.78 9.95
CA TYR A 58 -24.68 -15.11 11.20
C TYR A 58 -25.68 -15.21 12.34
N VAL A 59 -26.57 -14.23 12.44
CA VAL A 59 -27.45 -14.12 13.60
C VAL A 59 -28.42 -15.28 13.63
N GLU A 60 -28.76 -15.81 12.45
CA GLU A 60 -29.77 -16.83 12.29
C GLU A 60 -29.20 -18.22 12.43
N ASN A 61 -27.88 -18.36 12.39
CA ASN A 61 -27.24 -19.66 12.33
C ASN A 61 -27.06 -20.19 13.77
N GLU A 62 -27.64 -21.35 14.02
CA GLU A 62 -27.73 -21.93 15.35
C GLU A 62 -26.38 -22.40 15.83
N GLU A 63 -25.51 -22.75 14.88
CA GLU A 63 -24.16 -23.11 15.22
C GLU A 63 -23.45 -22.04 16.04
N TYR A 64 -23.86 -20.79 15.95
CA TYR A 64 -23.21 -19.69 16.65
C TYR A 64 -23.96 -19.26 17.88
N ALA A 65 -24.86 -20.09 18.37
CA ALA A 65 -25.42 -19.78 19.67
C ALA A 65 -24.27 -19.70 20.69
N GLY A 66 -24.40 -18.79 21.64
CA GLY A 66 -23.30 -18.55 22.54
C GLY A 66 -22.23 -17.60 22.05
N LEU A 67 -22.31 -17.10 20.83
CA LEU A 67 -21.33 -16.13 20.34
C LEU A 67 -21.98 -14.78 20.13
N ILE A 68 -21.17 -13.75 20.16
CA ILE A 68 -21.65 -12.40 19.97
C ILE A 68 -21.35 -12.03 18.52
N ILE A 69 -22.36 -11.61 17.80
CA ILE A 69 -22.18 -11.16 16.41
C ILE A 69 -21.98 -9.64 16.42
N PRO A 70 -20.91 -9.12 15.82
CA PRO A 70 -20.72 -7.68 15.74
C PRO A 70 -21.87 -7.00 15.05
N PRO A 71 -22.19 -5.78 15.48
CA PRO A 71 -23.37 -5.09 14.94
C PRO A 71 -23.21 -4.75 13.46
N ALA A 72 -24.31 -4.82 12.74
CA ALA A 72 -24.33 -4.54 11.32
C ALA A 72 -24.07 -3.06 11.04
N PRO A 73 -23.32 -2.73 10.01
CA PRO A 73 -23.10 -1.30 9.70
C PRO A 73 -24.38 -0.63 9.26
N PRO A 74 -24.59 0.62 9.63
CA PRO A 74 -25.79 1.33 9.17
C PRO A 74 -25.71 1.60 7.67
N ARG A 75 -26.88 1.81 7.11
CA ARG A 75 -26.97 2.18 5.70
C ARG A 75 -26.50 3.63 5.55
N PRO A 76 -25.49 3.89 4.72
CA PRO A 76 -25.07 5.29 4.51
C PRO A 76 -26.20 6.10 3.87
N ASP A 77 -26.28 7.35 4.25
CA ASP A 77 -27.34 8.27 3.80
C ASP A 77 -26.71 9.37 2.94
N PHE A 78 -26.76 9.19 1.61
CA PHE A 78 -26.32 10.16 0.64
C PHE A 78 -27.47 10.90 -0.02
N GLU A 79 -28.71 10.74 0.47
CA GLU A 79 -29.87 11.25 -0.28
C GLU A 79 -29.74 12.74 -0.53
N ALA A 80 -29.60 13.52 0.56
CA ALA A 80 -29.47 14.97 0.42
C ALA A 80 -28.31 15.35 -0.49
N SER A 81 -27.19 14.66 -0.36
CA SER A 81 -26.00 14.98 -1.15
C SER A 81 -26.21 14.67 -2.62
N ARG A 82 -26.92 13.58 -2.95
CA ARG A 82 -27.16 13.26 -4.35
C ARG A 82 -28.00 14.35 -5.02
N GLU A 83 -28.98 14.90 -4.31
CA GLU A 83 -29.79 15.91 -4.96
C GLU A 83 -28.95 17.16 -5.22
N LYS A 84 -28.08 17.52 -4.28
CA LYS A 84 -27.12 18.60 -4.57
C LYS A 84 -26.25 18.24 -5.77
N LEU A 85 -25.77 17.01 -5.87
CA LEU A 85 -24.93 16.64 -7.00
C LEU A 85 -25.68 16.75 -8.32
N GLN A 86 -26.93 16.33 -8.34
CA GLN A 86 -27.73 16.41 -9.57
C GLN A 86 -27.93 17.85 -9.99
N LYS A 87 -28.24 18.71 -9.03
CA LYS A 87 -28.48 20.11 -9.28
C LYS A 87 -27.21 20.77 -9.80
N LEU A 88 -26.07 20.35 -9.26
CA LEU A 88 -24.80 20.90 -9.66
C LEU A 88 -24.52 20.68 -11.13
N GLY A 89 -24.87 19.52 -11.65
CA GLY A 89 -24.80 19.28 -13.10
C GLY A 89 -25.79 20.09 -13.92
N GLU A 90 -27.01 20.16 -13.45
CA GLU A 90 -28.07 20.88 -14.12
C GLU A 90 -27.99 22.40 -14.14
N GLY A 91 -27.55 23.00 -13.06
CA GLY A 91 -27.83 24.39 -12.75
C GLY A 91 -27.32 25.41 -13.76
N ASP A 92 -26.10 25.21 -14.25
CA ASP A 92 -25.62 26.03 -15.37
C ASP A 92 -26.05 27.46 -15.60
N SER A 93 -27.30 27.69 -15.20
CA SER A 93 -28.16 28.56 -15.90
C SER A 93 -27.60 29.97 -15.99
N SER A 94 -27.27 30.52 -14.85
CA SER A 94 -26.53 31.77 -14.76
C SER A 94 -25.45 31.70 -13.67
N VAL A 95 -25.17 30.51 -13.16
CA VAL A 95 -24.12 30.27 -12.17
C VAL A 95 -22.74 30.58 -12.74
N THR A 96 -22.00 31.42 -12.03
CA THR A 96 -20.65 31.76 -12.46
C THR A 96 -19.71 30.58 -12.21
N ARG A 97 -18.58 30.58 -12.91
CA ARG A 97 -17.58 29.54 -12.71
C ARG A 97 -17.10 29.53 -11.27
N GLU A 98 -17.06 30.71 -10.65
CA GLU A 98 -16.59 30.81 -9.28
C GLU A 98 -17.60 30.20 -8.33
N GLU A 99 -18.89 30.41 -8.60
CA GLU A 99 -19.93 29.80 -7.78
C GLU A 99 -19.91 28.29 -7.91
N PHE A 100 -19.83 27.79 -9.14
CA PHE A 100 -19.74 26.37 -9.37
C PHE A 100 -18.57 25.76 -8.59
N ALA A 101 -17.39 26.37 -8.66
CA ALA A 101 -16.21 25.80 -8.01
C ALA A 101 -16.42 25.72 -6.53
N LYS A 102 -17.07 26.72 -5.97
CA LYS A 102 -17.29 26.69 -4.54
C LYS A 102 -18.36 25.66 -4.17
N MET A 103 -19.43 25.58 -4.96
CA MET A 103 -20.44 24.55 -4.71
C MET A 103 -19.82 23.18 -4.80
N LYS A 104 -18.97 22.99 -5.80
CA LYS A 104 -18.23 21.76 -5.96
C LYS A 104 -17.37 21.49 -4.75
N GLN A 105 -16.67 22.50 -4.25
CA GLN A 105 -15.76 22.23 -3.16
C GLN A 105 -16.52 21.81 -1.90
N GLU A 106 -17.68 22.43 -1.64
CA GLU A 106 -18.38 22.12 -0.40
C GLU A 106 -19.11 20.78 -0.50
N LEU A 107 -19.54 20.43 -1.71
CA LEU A 107 -20.21 19.16 -1.88
C LEU A 107 -19.22 18.02 -1.73
N GLU A 108 -17.99 18.21 -2.22
CA GLU A 108 -16.96 17.20 -2.05
C GLU A 108 -16.66 16.99 -0.58
N ALA A 109 -16.57 18.09 0.18
CA ALA A 109 -16.35 17.96 1.61
C ALA A 109 -17.52 17.25 2.27
N GLU A 110 -18.74 17.54 1.82
CA GLU A 110 -19.91 16.85 2.36
C GLU A 110 -19.85 15.34 2.11
N TYR A 111 -19.54 14.90 0.87
CA TYR A 111 -19.40 13.48 0.57
C TYR A 111 -18.26 12.88 1.35
N LEU A 112 -17.12 13.60 1.46
CA LEU A 112 -15.95 13.03 2.11
C LEU A 112 -16.25 12.58 3.53
N ALA A 113 -16.95 13.44 4.29
CA ALA A 113 -17.29 13.10 5.67
C ALA A 113 -18.22 11.89 5.76
N ILE A 114 -19.23 11.82 4.88
CA ILE A 114 -20.14 10.68 4.92
C ILE A 114 -19.38 9.41 4.61
N PHE A 115 -18.55 9.44 3.57
CA PHE A 115 -17.70 8.33 3.20
C PHE A 115 -16.78 7.91 4.32
N LYS A 116 -16.13 8.86 5.02
CA LYS A 116 -15.20 8.47 6.06
C LYS A 116 -15.92 7.63 7.11
N LYS A 117 -17.12 8.05 7.50
CA LYS A 117 -17.82 7.37 8.56
C LYS A 117 -18.37 6.01 8.10
N THR A 118 -19.00 5.95 6.94
CA THR A 118 -19.59 4.67 6.52
C THR A 118 -18.51 3.66 6.14
N VAL A 119 -17.39 4.12 5.61
CA VAL A 119 -16.35 3.14 5.29
C VAL A 119 -15.80 2.58 6.57
N ALA A 120 -15.64 3.43 7.57
CA ALA A 120 -15.10 2.97 8.82
C ALA A 120 -16.02 1.94 9.46
N MET A 121 -17.32 2.22 9.52
CA MET A 121 -18.24 1.30 10.19
C MET A 121 -18.38 -0.03 9.45
N HIS A 122 -18.37 -0.01 8.09
CA HIS A 122 -18.38 -1.24 7.31
C HIS A 122 -17.11 -2.04 7.50
N GLU A 123 -15.98 -1.35 7.49
CA GLU A 123 -14.70 -2.00 7.65
C GLU A 123 -14.55 -2.63 9.02
N VAL A 124 -14.93 -1.91 10.07
CA VAL A 124 -14.82 -2.41 11.43
C VAL A 124 -15.67 -3.67 11.58
N PHE A 125 -16.87 -3.69 11.00
CA PHE A 125 -17.68 -4.89 11.05
C PHE A 125 -16.92 -6.09 10.52
N LEU A 126 -16.30 -5.96 9.34
CA LEU A 126 -15.58 -7.08 8.73
C LEU A 126 -14.35 -7.45 9.52
N GLN A 127 -13.71 -6.47 10.17
CA GLN A 127 -12.48 -6.75 10.88
C GLN A 127 -12.77 -7.45 12.18
N ARG A 128 -13.93 -7.13 12.73
CA ARG A 128 -14.37 -7.84 13.91
C ARG A 128 -14.67 -9.29 13.58
N LEU A 129 -15.25 -9.54 12.37
CA LEU A 129 -15.51 -10.92 11.96
C LEU A 129 -14.20 -11.68 11.74
N ALA A 130 -13.25 -11.01 11.12
CA ALA A 130 -11.97 -11.65 10.82
C ALA A 130 -11.17 -11.92 12.10
N ALA A 131 -11.42 -11.15 13.18
CA ALA A 131 -10.67 -11.38 14.41
C ALA A 131 -11.29 -12.46 15.26
N HIS A 132 -12.52 -12.81 15.00
CA HIS A 132 -13.20 -13.71 15.86
C HIS A 132 -12.78 -15.14 15.53
N PRO A 133 -12.33 -15.91 16.50
CA PRO A 133 -11.77 -17.24 16.23
C PRO A 133 -12.74 -18.22 15.58
N THR A 134 -14.05 -18.10 15.84
CA THR A 134 -15.04 -18.90 15.16
C THR A 134 -15.68 -18.18 13.98
N LEU A 135 -16.08 -16.95 14.13
CA LEU A 135 -16.81 -16.34 13.04
C LEU A 135 -15.93 -16.17 11.79
N ARG A 136 -14.62 -16.13 11.94
CA ARG A 136 -13.75 -15.92 10.79
C ARG A 136 -13.71 -17.11 9.86
N ARG A 137 -14.22 -18.25 10.30
CA ARG A 137 -14.21 -19.49 9.52
C ARG A 137 -15.55 -19.75 8.83
N ASP A 138 -16.51 -18.84 8.98
CA ASP A 138 -17.84 -19.02 8.43
C ASP A 138 -17.78 -19.13 6.89
N HIS A 139 -18.55 -20.06 6.32
CA HIS A 139 -18.56 -20.25 4.88
C HIS A 139 -19.07 -19.01 4.16
N ASN A 140 -20.16 -18.44 4.65
CA ASN A 140 -20.73 -17.26 4.03
C ASN A 140 -19.74 -16.11 3.99
N PHE A 141 -18.90 -16.01 5.00
CA PHE A 141 -17.90 -14.96 5.05
C PHE A 141 -16.87 -15.18 3.96
N PHE A 142 -16.50 -16.44 3.74
CA PHE A 142 -15.56 -16.73 2.67
C PHE A 142 -16.16 -16.37 1.34
N VAL A 143 -17.47 -16.61 1.17
CA VAL A 143 -18.12 -16.22 -0.07
C VAL A 143 -18.12 -14.71 -0.20
N PHE A 144 -18.45 -14.01 0.89
CA PHE A 144 -18.49 -12.55 0.85
C PHE A 144 -17.13 -11.95 0.47
N LEU A 145 -16.04 -12.58 0.90
CA LEU A 145 -14.73 -11.98 0.66
C LEU A 145 -14.21 -12.30 -0.72
N GLU A 146 -14.59 -13.46 -1.29
CA GLU A 146 -13.94 -13.96 -2.49
C GLU A 146 -14.82 -14.08 -3.73
N TYR A 147 -16.12 -14.14 -3.58
CA TYR A 147 -16.93 -14.48 -4.73
C TYR A 147 -16.82 -13.40 -5.83
N GLY A 148 -16.75 -13.84 -7.09
CA GLY A 148 -16.78 -12.90 -8.21
C GLY A 148 -15.45 -12.31 -8.60
N GLN A 149 -14.39 -13.12 -8.55
CA GLN A 149 -13.09 -12.70 -9.06
C GLN A 149 -13.11 -12.66 -10.57
N SER B 8 2.98 -21.40 -0.80
CA SER B 8 4.42 -21.19 -0.97
C SER B 8 4.74 -19.79 -1.53
N SER B 9 3.85 -18.81 -1.33
CA SER B 9 4.06 -17.49 -1.92
C SER B 9 5.22 -16.76 -1.23
N LEU B 10 5.97 -15.97 -2.02
CA LEU B 10 7.04 -15.13 -1.52
C LEU B 10 7.19 -13.88 -2.37
N GLN B 11 6.94 -12.73 -1.75
CA GLN B 11 6.99 -11.44 -2.43
C GLN B 11 7.91 -10.53 -1.65
N VAL B 12 8.76 -9.82 -2.38
CA VAL B 12 9.81 -9.02 -1.77
C VAL B 12 9.91 -7.74 -2.56
N GLU B 13 10.11 -6.62 -1.88
CA GLU B 13 10.33 -5.38 -2.57
C GLU B 13 11.07 -4.44 -1.64
N ILE B 14 11.57 -3.35 -2.19
CA ILE B 14 12.29 -2.33 -1.44
C ILE B 14 11.38 -1.10 -1.32
N SER B 15 11.06 -0.73 -0.07
CA SER B 15 10.08 0.32 0.20
C SER B 15 10.74 1.69 0.24
N ASP B 16 11.92 1.78 0.80
CA ASP B 16 12.60 3.07 0.94
C ASP B 16 14.10 2.83 1.12
N ALA B 17 14.86 3.92 1.09
CA ALA B 17 16.32 3.85 1.24
C ALA B 17 16.85 5.13 1.89
N VAL B 18 18.13 5.08 2.30
CA VAL B 18 18.78 6.25 2.90
C VAL B 18 20.28 6.20 2.62
N SER B 19 20.80 7.30 2.12
CA SER B 19 22.20 7.53 1.87
C SER B 19 22.71 8.45 2.96
N GLU B 20 23.52 7.92 3.87
CA GLU B 20 23.98 8.71 5.00
C GLU B 20 25.45 8.43 5.26
N ARG B 21 26.28 9.45 5.07
CA ARG B 21 27.68 9.42 5.47
C ARG B 21 28.35 8.10 5.09
N ASP B 22 28.61 7.97 3.79
CA ASP B 22 29.37 6.85 3.26
C ASP B 22 28.67 5.53 3.49
N LYS B 23 27.35 5.52 3.62
CA LYS B 23 26.61 4.28 3.78
C LYS B 23 25.28 4.39 3.05
N VAL B 24 24.81 3.26 2.52
CA VAL B 24 23.48 3.17 1.92
C VAL B 24 22.72 2.01 2.54
N LYS B 25 21.49 2.28 2.93
CA LYS B 25 20.63 1.30 3.56
C LYS B 25 19.35 1.19 2.77
N PHE B 26 18.91 -0.03 2.53
CA PHE B 26 17.67 -0.30 1.82
C PHE B 26 16.71 -0.98 2.78
N THR B 27 15.45 -0.59 2.76
CA THR B 27 14.43 -1.26 3.57
C THR B 27 13.77 -2.33 2.71
N VAL B 28 13.88 -3.58 3.16
CA VAL B 28 13.43 -4.74 2.39
C VAL B 28 12.15 -5.24 3.02
N GLN B 29 11.10 -5.26 2.21
CA GLN B 29 9.78 -5.71 2.63
C GLN B 29 9.52 -7.10 2.09
N THR B 30 9.05 -7.97 2.95
CA THR B 30 8.62 -9.30 2.59
C THR B 30 7.17 -9.52 2.98
N LYS B 31 6.44 -10.19 2.10
CA LYS B 31 5.12 -10.74 2.39
C LYS B 31 5.20 -12.21 2.02
N SER B 32 4.87 -13.09 2.98
CA SER B 32 5.02 -14.52 2.69
C SER B 32 4.18 -15.39 3.59
N CYS B 33 3.64 -16.45 3.01
CA CYS B 33 2.89 -17.46 3.74
C CYS B 33 3.75 -18.63 4.20
N LEU B 34 5.04 -18.60 3.95
CA LEU B 34 5.86 -19.77 4.22
C LEU B 34 5.99 -19.98 5.72
N PRO B 35 5.86 -21.23 6.17
CA PRO B 35 5.76 -21.51 7.61
C PRO B 35 6.97 -21.15 8.45
N HIS B 36 8.18 -21.15 7.92
CA HIS B 36 9.33 -20.85 8.78
C HIS B 36 9.38 -19.38 9.23
N PHE B 37 8.75 -18.46 8.50
CA PHE B 37 8.83 -17.06 8.92
C PHE B 37 7.97 -16.80 10.14
N ALA B 38 8.52 -16.04 11.08
CA ALA B 38 7.80 -15.73 12.31
C ALA B 38 6.49 -14.99 12.04
N GLN B 39 6.47 -14.12 11.03
CA GLN B 39 5.34 -13.28 10.69
C GLN B 39 5.10 -13.36 9.19
N THR B 40 3.86 -13.11 8.75
CA THR B 40 3.59 -13.15 7.32
C THR B 40 4.09 -11.91 6.59
N GLU B 41 4.17 -10.76 7.28
CA GLU B 41 4.67 -9.52 6.66
C GLU B 41 5.68 -8.91 7.62
N PHE B 42 6.79 -8.41 7.07
CA PHE B 42 7.85 -7.90 7.90
C PHE B 42 8.81 -7.09 7.03
N SER B 43 9.70 -6.35 7.70
CA SER B 43 10.75 -5.63 6.98
C SER B 43 12.05 -5.70 7.77
N VAL B 44 13.14 -5.43 7.05
CA VAL B 44 14.48 -5.28 7.63
C VAL B 44 15.21 -4.21 6.85
N VAL B 45 16.33 -3.79 7.42
CA VAL B 45 17.26 -2.86 6.79
C VAL B 45 18.52 -3.61 6.37
N ARG B 46 18.97 -3.37 5.14
CA ARG B 46 20.13 -4.04 4.59
C ARG B 46 21.01 -3.06 3.83
N GLN B 47 22.27 -3.03 4.22
CA GLN B 47 23.29 -2.31 3.50
C GLN B 47 23.71 -3.12 2.28
N HIS B 48 24.32 -2.43 1.30
CA HIS B 48 24.69 -3.05 0.04
C HIS B 48 25.49 -4.34 0.23
N GLU B 49 26.49 -4.31 1.14
CA GLU B 49 27.40 -5.45 1.37
C GLU B 49 26.66 -6.74 1.59
N GLU B 50 25.51 -6.66 2.25
CA GLU B 50 24.79 -7.88 2.60
C GLU B 50 24.19 -8.50 1.36
N PHE B 51 23.75 -7.66 0.41
CA PHE B 51 23.32 -8.22 -0.87
C PHE B 51 24.47 -8.99 -1.51
N ILE B 52 25.69 -8.46 -1.38
CA ILE B 52 26.85 -9.10 -1.99
C ILE B 52 27.17 -10.39 -1.26
N TRP B 53 27.10 -10.35 0.07
CA TRP B 53 27.26 -11.56 0.86
C TRP B 53 26.29 -12.63 0.37
N LEU B 54 25.02 -12.27 0.20
CA LEU B 54 24.03 -13.25 -0.22
C LEU B 54 24.36 -13.78 -1.63
N HIS B 55 24.65 -12.88 -2.57
CA HIS B 55 25.01 -13.29 -3.93
C HIS B 55 26.22 -14.22 -3.93
N ASP B 56 27.30 -13.81 -3.26
CA ASP B 56 28.46 -14.68 -3.23
C ASP B 56 28.17 -16.04 -2.63
N ALA B 57 27.26 -16.10 -1.66
CA ALA B 57 26.98 -17.38 -1.03
C ALA B 57 26.27 -18.31 -1.99
N TYR B 58 25.39 -17.75 -2.80
CA TYR B 58 24.71 -18.53 -3.83
C TYR B 58 25.73 -19.10 -4.82
N VAL B 59 26.62 -18.25 -5.32
CA VAL B 59 27.53 -18.65 -6.37
C VAL B 59 28.43 -19.79 -5.91
N GLU B 60 28.87 -19.78 -4.63
CA GLU B 60 29.81 -20.75 -4.11
C GLU B 60 29.16 -22.02 -3.59
N ASN B 61 27.84 -22.09 -3.57
CA ASN B 61 27.17 -23.27 -3.06
C ASN B 61 27.05 -24.28 -4.20
N GLU B 62 27.70 -25.43 -4.05
CA GLU B 62 27.74 -26.42 -5.13
C GLU B 62 26.39 -27.06 -5.34
N GLU B 63 25.49 -26.98 -4.35
CA GLU B 63 24.16 -27.54 -4.53
C GLU B 63 23.39 -26.86 -5.66
N TYR B 64 23.83 -25.68 -6.09
CA TYR B 64 23.18 -24.91 -7.14
C TYR B 64 23.89 -25.04 -8.47
N ALA B 65 24.72 -26.06 -8.61
CA ALA B 65 25.29 -26.33 -9.92
C ALA B 65 24.14 -26.62 -10.89
N GLY B 66 24.22 -26.06 -12.08
CA GLY B 66 23.14 -26.19 -13.01
C GLY B 66 22.13 -25.10 -12.94
N LEU B 67 22.31 -24.13 -12.05
CA LEU B 67 21.36 -23.05 -11.87
C LEU B 67 22.04 -21.74 -12.22
N ILE B 68 21.22 -20.77 -12.61
CA ILE B 68 21.70 -19.46 -13.00
C ILE B 68 21.39 -18.54 -11.84
N ILE B 69 22.40 -17.83 -11.35
CA ILE B 69 22.25 -16.95 -10.21
C ILE B 69 22.11 -15.55 -10.76
N PRO B 70 21.05 -14.82 -10.40
CA PRO B 70 20.92 -13.44 -10.86
C PRO B 70 22.13 -12.60 -10.51
N PRO B 71 22.50 -11.66 -11.36
CA PRO B 71 23.68 -10.82 -11.11
C PRO B 71 23.55 -9.93 -9.87
N ALA B 72 24.67 -9.72 -9.21
CA ALA B 72 24.69 -8.90 -8.03
C ALA B 72 24.41 -7.44 -8.43
N PRO B 73 23.68 -6.70 -7.61
CA PRO B 73 23.48 -5.31 -7.89
C PRO B 73 24.79 -4.54 -7.77
N PRO B 74 24.96 -3.52 -8.57
CA PRO B 74 26.14 -2.67 -8.45
C PRO B 74 26.12 -1.81 -7.19
N ARG B 75 27.30 -1.49 -6.72
CA ARG B 75 27.41 -0.66 -5.55
C ARG B 75 26.82 0.72 -5.84
N PRO B 76 25.94 1.25 -5.00
CA PRO B 76 25.48 2.62 -5.17
C PRO B 76 26.64 3.61 -5.15
N ASP B 77 26.55 4.61 -6.00
CA ASP B 77 27.59 5.62 -6.12
C ASP B 77 27.01 7.01 -5.90
N PHE B 78 27.11 7.50 -4.66
CA PHE B 78 26.59 8.81 -4.30
C PHE B 78 27.68 9.86 -4.14
N GLU B 79 28.94 9.54 -4.50
CA GLU B 79 30.07 10.32 -4.04
C GLU B 79 29.99 11.77 -4.52
N ALA B 80 29.78 11.97 -5.83
CA ALA B 80 29.75 13.33 -6.35
C ALA B 80 28.67 14.15 -5.66
N SER B 81 27.50 13.53 -5.45
CA SER B 81 26.34 14.20 -4.87
C SER B 81 26.58 14.56 -3.41
N ARG B 82 27.33 13.72 -2.68
CA ARG B 82 27.60 14.02 -1.28
C ARG B 82 28.46 15.27 -1.15
N GLU B 83 29.37 15.50 -2.09
CA GLU B 83 30.08 16.78 -2.09
C GLU B 83 29.08 17.91 -2.08
N LYS B 84 28.24 17.96 -3.12
CA LYS B 84 27.29 19.07 -3.28
C LYS B 84 26.42 19.26 -2.05
N LEU B 85 26.02 18.16 -1.41
CA LEU B 85 25.16 18.26 -0.23
C LEU B 85 25.89 18.95 0.92
N GLN B 86 27.15 18.60 1.13
CA GLN B 86 27.95 19.25 2.16
C GLN B 86 28.13 20.71 1.81
N LYS B 87 28.35 20.98 0.53
CA LYS B 87 28.60 22.32 0.06
C LYS B 87 27.38 23.17 0.32
N LEU B 88 26.23 22.60 0.07
CA LEU B 88 24.99 23.31 0.25
C LEU B 88 24.76 23.69 1.69
N GLY B 89 25.02 22.77 2.60
CA GLY B 89 24.66 23.02 3.99
C GLY B 89 25.41 24.09 4.77
N GLU B 90 26.73 24.06 4.70
CA GLU B 90 27.51 25.02 5.49
C GLU B 90 27.35 26.41 4.93
N GLY B 91 27.33 26.46 3.61
CA GLY B 91 27.54 27.69 2.86
C GLY B 91 26.29 28.51 2.69
N ASP B 92 26.43 29.57 1.90
CA ASP B 92 25.33 30.43 1.45
C ASP B 92 25.50 31.92 1.67
N SER B 93 26.55 32.42 2.33
CA SER B 93 26.52 33.86 2.40
C SER B 93 26.56 34.44 0.99
N SER B 94 27.41 33.86 0.16
CA SER B 94 27.64 34.35 -1.18
C SER B 94 26.40 34.27 -2.05
N VAL B 95 25.68 33.17 -1.89
CA VAL B 95 24.59 32.82 -2.80
C VAL B 95 23.23 33.49 -2.55
N THR B 96 22.57 33.86 -3.65
CA THR B 96 21.20 34.35 -3.63
C THR B 96 20.21 33.31 -3.31
N ARG B 97 19.12 33.74 -2.71
CA ARG B 97 18.15 32.79 -2.17
C ARG B 97 17.49 31.98 -3.26
N GLU B 98 17.03 32.65 -4.32
CA GLU B 98 16.37 31.92 -5.41
C GLU B 98 17.29 30.85 -5.98
N GLU B 99 18.58 31.16 -6.12
CA GLU B 99 19.56 30.18 -6.59
C GLU B 99 19.68 29.03 -5.60
N PHE B 100 19.75 29.34 -4.30
CA PHE B 100 19.89 28.28 -3.30
C PHE B 100 18.78 27.24 -3.44
N ALA B 101 17.54 27.70 -3.55
CA ALA B 101 16.46 26.79 -3.89
C ALA B 101 16.72 26.09 -5.22
N LYS B 102 17.27 26.81 -6.19
CA LYS B 102 17.64 26.21 -7.48
C LYS B 102 18.69 25.12 -7.29
N MET B 103 19.67 25.36 -6.41
CA MET B 103 20.68 24.34 -6.13
C MET B 103 20.04 23.17 -5.42
N LYS B 104 19.24 23.44 -4.38
CA LYS B 104 18.61 22.36 -3.63
C LYS B 104 17.74 21.50 -4.53
N GLN B 105 16.91 22.13 -5.36
CA GLN B 105 16.06 21.38 -6.29
C GLN B 105 16.88 20.54 -7.25
N GLU B 106 18.04 21.05 -7.66
CA GLU B 106 18.91 20.31 -8.57
C GLU B 106 19.52 19.11 -7.88
N LEU B 107 19.91 19.28 -6.60
CA LEU B 107 20.51 18.19 -5.87
C LEU B 107 19.48 17.11 -5.58
N GLU B 108 18.29 17.53 -5.13
CA GLU B 108 17.20 16.59 -4.92
C GLU B 108 16.93 15.77 -6.18
N ALA B 109 16.89 16.41 -7.34
CA ALA B 109 16.73 15.67 -8.58
C ALA B 109 17.91 14.73 -8.83
N GLU B 110 19.11 15.17 -8.51
CA GLU B 110 20.29 14.34 -8.68
C GLU B 110 20.20 13.08 -7.83
N TYR B 111 19.86 13.23 -6.55
CA TYR B 111 19.75 12.10 -5.65
C TYR B 111 18.60 11.18 -6.05
N LEU B 112 17.50 11.76 -6.58
CA LEU B 112 16.34 10.95 -6.93
C LEU B 112 16.65 10.01 -8.08
N ALA B 113 17.41 10.50 -9.06
CA ALA B 113 17.74 9.67 -10.22
C ALA B 113 18.65 8.52 -9.83
N ILE B 114 19.62 8.77 -8.98
CA ILE B 114 20.54 7.70 -8.56
C ILE B 114 19.78 6.66 -7.76
N PHE B 115 19.02 7.12 -6.76
CA PHE B 115 18.19 6.25 -5.94
C PHE B 115 17.28 5.36 -6.76
N LYS B 116 16.63 5.92 -7.79
CA LYS B 116 15.69 5.13 -8.59
C LYS B 116 16.40 3.94 -9.19
N LYS B 117 17.60 4.16 -9.75
CA LYS B 117 18.33 3.08 -10.41
C LYS B 117 18.87 2.03 -9.41
N THR B 118 19.47 2.47 -8.31
CA THR B 118 20.09 1.49 -7.44
C THR B 118 19.01 0.69 -6.70
N VAL B 119 17.95 1.34 -6.26
CA VAL B 119 16.85 0.63 -5.63
C VAL B 119 16.27 -0.39 -6.60
N ALA B 120 16.08 0.02 -7.85
CA ALA B 120 15.54 -0.92 -8.82
C ALA B 120 16.47 -2.11 -9.00
N MET B 121 17.77 -1.86 -9.13
CA MET B 121 18.67 -2.98 -9.36
C MET B 121 18.80 -3.88 -8.12
N HIS B 122 18.75 -3.31 -6.91
CA HIS B 122 18.78 -4.16 -5.72
C HIS B 122 17.50 -4.96 -5.60
N GLU B 123 16.38 -4.30 -5.89
CA GLU B 123 15.07 -4.95 -5.80
C GLU B 123 14.93 -6.09 -6.80
N VAL B 124 15.30 -5.85 -8.04
CA VAL B 124 15.15 -6.89 -9.05
C VAL B 124 15.97 -8.13 -8.66
N PHE B 125 17.17 -7.93 -8.14
CA PHE B 125 17.95 -9.07 -7.67
C PHE B 125 17.17 -9.90 -6.67
N LEU B 126 16.55 -9.26 -5.67
CA LEU B 126 15.78 -10.02 -4.67
C LEU B 126 14.52 -10.66 -5.29
N GLN B 127 13.87 -9.96 -6.21
CA GLN B 127 12.70 -10.54 -6.87
C GLN B 127 13.07 -11.73 -7.76
N ARG B 128 14.22 -11.69 -8.42
CA ARG B 128 14.62 -12.86 -9.19
C ARG B 128 14.84 -14.06 -8.28
N LEU B 129 15.47 -13.85 -7.12
CA LEU B 129 15.66 -14.97 -6.19
C LEU B 129 14.34 -15.51 -5.72
N ALA B 130 13.41 -14.63 -5.40
CA ALA B 130 12.13 -15.07 -4.85
C ALA B 130 11.28 -15.77 -5.91
N ALA B 131 11.46 -15.41 -7.18
CA ALA B 131 10.72 -16.06 -8.27
C ALA B 131 11.31 -17.41 -8.62
N HIS B 132 12.55 -17.65 -8.30
CA HIS B 132 13.21 -18.86 -8.76
C HIS B 132 12.76 -20.05 -7.92
N PRO B 133 12.40 -21.18 -8.56
CA PRO B 133 11.84 -22.30 -7.77
C PRO B 133 12.79 -22.90 -6.77
N THR B 134 14.09 -22.92 -7.05
CA THR B 134 15.03 -23.46 -6.11
C THR B 134 15.69 -22.38 -5.26
N LEU B 135 16.08 -21.25 -5.86
CA LEU B 135 16.83 -20.30 -5.05
C LEU B 135 15.97 -19.68 -3.95
N ARG B 136 14.66 -19.62 -4.15
CA ARG B 136 13.78 -18.97 -3.19
C ARG B 136 13.75 -19.70 -1.85
N ARG B 137 14.23 -20.94 -1.80
CA ARG B 137 14.28 -21.74 -0.58
C ARG B 137 15.63 -21.71 0.13
N ASP B 138 16.56 -20.89 -0.34
CA ASP B 138 17.90 -20.84 0.24
C ASP B 138 17.84 -20.34 1.70
N HIS B 139 18.55 -21.03 2.58
CA HIS B 139 18.58 -20.63 3.99
C HIS B 139 19.11 -19.21 4.16
N ASN B 140 20.25 -18.92 3.53
CA ASN B 140 20.82 -17.58 3.60
C ASN B 140 19.83 -16.53 3.18
N PHE B 141 19.00 -16.85 2.17
CA PHE B 141 17.97 -15.90 1.72
C PHE B 141 16.96 -15.65 2.83
N PHE B 142 16.58 -16.69 3.57
CA PHE B 142 15.64 -16.46 4.67
C PHE B 142 16.27 -15.57 5.73
N VAL B 143 17.56 -15.76 6.01
CA VAL B 143 18.27 -14.91 6.98
C VAL B 143 18.34 -13.48 6.47
N PHE B 144 18.63 -13.32 5.17
CA PHE B 144 18.71 -11.99 4.59
C PHE B 144 17.39 -11.21 4.74
N LEU B 145 16.26 -11.90 4.56
CA LEU B 145 14.96 -11.24 4.59
C LEU B 145 14.46 -10.97 6.01
N GLU B 146 14.74 -11.86 6.98
CA GLU B 146 14.06 -11.67 8.27
C GLU B 146 14.96 -11.34 9.47
N TYR B 147 16.28 -11.46 9.37
CA TYR B 147 17.11 -11.33 10.55
C TYR B 147 17.06 -9.90 11.11
N GLY B 148 16.85 -9.79 12.43
CA GLY B 148 16.76 -8.51 13.14
C GLY B 148 15.47 -7.71 13.08
N GLY C 4 -23.89 7.71 -15.04
CA GLY C 4 -24.55 8.85 -14.44
C GLY C 4 -23.64 9.67 -13.55
N PRO C 5 -24.24 10.47 -12.66
CA PRO C 5 -23.45 11.22 -11.67
C PRO C 5 -23.12 10.34 -10.48
N ALA C 6 -21.84 10.33 -10.10
CA ALA C 6 -21.36 9.46 -9.03
C ALA C 6 -20.23 10.15 -8.28
N VAL C 7 -19.95 9.64 -7.10
CA VAL C 7 -18.84 10.13 -6.29
C VAL C 7 -17.99 8.95 -5.89
N GLN C 8 -16.72 9.00 -6.24
CA GLN C 8 -15.74 7.98 -5.93
C GLN C 8 -14.95 8.42 -4.71
N PHE C 9 -14.64 7.45 -3.83
CA PHE C 9 -13.90 7.67 -2.57
C PHE C 9 -12.71 6.73 -2.51
N PHE C 10 -11.54 7.29 -2.25
CA PHE C 10 -10.31 6.51 -2.15
C PHE C 10 -9.69 6.77 -0.79
N LYS C 11 -9.43 5.69 -0.05
CA LYS C 11 -8.89 5.83 1.29
C LYS C 11 -7.42 6.18 1.20
N GLY C 12 -6.98 7.15 2.00
CA GLY C 12 -5.60 7.60 1.91
C GLY C 12 -4.64 6.59 2.50
N LYS C 13 -3.65 6.17 1.71
CA LYS C 13 -2.62 5.25 2.16
C LYS C 13 -1.49 6.00 2.77
N ASN C 14 -1.15 5.61 4.00
CA ASN C 14 -0.41 6.44 4.92
C ASN C 14 0.75 6.98 4.13
N GLY C 15 0.98 8.28 4.22
CA GLY C 15 0.19 9.21 5.02
C GLY C 15 -0.77 10.08 4.25
N SER C 16 -1.04 9.72 3.00
CA SER C 16 -1.77 10.62 2.12
C SER C 16 -3.23 10.71 2.57
N ALA C 17 -3.91 11.73 2.07
CA ALA C 17 -5.25 11.99 2.57
C ALA C 17 -6.29 11.22 1.75
N ASP C 18 -7.42 10.95 2.39
CA ASP C 18 -8.57 10.40 1.70
C ASP C 18 -9.02 11.38 0.63
N GLN C 19 -9.70 10.90 -0.39
CA GLN C 19 -10.03 11.75 -1.53
C GLN C 19 -11.41 11.42 -2.08
N VAL C 20 -12.17 12.43 -2.47
CA VAL C 20 -13.36 12.18 -3.28
C VAL C 20 -13.17 12.72 -4.69
N ILE C 21 -13.84 12.09 -5.65
CA ILE C 21 -13.90 12.52 -7.05
C ILE C 21 -15.36 12.55 -7.52
N LEU C 22 -15.85 13.73 -7.91
CA LEU C 22 -17.18 13.86 -8.53
C LEU C 22 -17.14 13.44 -10.00
N VAL C 23 -18.01 12.50 -10.40
CA VAL C 23 -18.02 11.99 -11.77
C VAL C 23 -19.46 11.90 -12.27
N PRO D 5 23.64 14.91 7.99
CA PRO D 5 23.50 15.11 6.55
C PRO D 5 23.19 13.83 5.79
N ALA D 6 21.90 13.57 5.53
CA ALA D 6 21.50 12.33 4.87
C ALA D 6 20.36 12.61 3.89
N VAL D 7 20.22 11.72 2.91
CA VAL D 7 19.17 11.82 1.92
C VAL D 7 18.31 10.56 1.97
N GLN D 8 17.03 10.73 2.27
CA GLN D 8 16.06 9.65 2.36
C GLN D 8 15.34 9.51 1.03
N PHE D 9 15.10 8.27 0.61
CA PHE D 9 14.33 7.98 -0.58
C PHE D 9 13.14 7.08 -0.22
N PHE D 10 11.98 7.42 -0.78
CA PHE D 10 10.74 6.69 -0.61
C PHE D 10 10.20 6.28 -1.96
N LYS D 11 9.98 4.99 -2.13
CA LYS D 11 9.46 4.50 -3.40
C LYS D 11 7.96 4.76 -3.44
N GLY D 12 7.51 5.43 -4.48
CA GLY D 12 6.10 5.65 -4.65
C GLY D 12 5.41 4.35 -5.05
N LYS D 13 4.14 4.24 -4.66
CA LYS D 13 3.38 3.06 -5.03
C LYS D 13 1.91 3.34 -5.33
N ASN D 14 1.41 2.71 -6.38
CA ASN D 14 0.01 2.80 -6.76
C ASN D 14 -0.59 4.21 -6.93
N GLY D 15 -0.20 5.10 -7.87
CA GLY D 15 1.09 5.35 -8.53
C GLY D 15 1.50 6.88 -8.51
N SER D 16 1.99 7.13 -7.28
CA SER D 16 2.53 8.30 -6.61
C SER D 16 4.02 8.28 -6.74
N ALA D 17 4.53 9.45 -6.61
CA ALA D 17 5.81 9.63 -7.16
C ALA D 17 6.76 9.17 -6.08
N ASP D 18 7.92 8.71 -6.52
CA ASP D 18 9.05 8.57 -5.65
C ASP D 18 9.39 9.95 -5.08
N GLN D 19 9.89 9.97 -3.86
CA GLN D 19 10.25 11.24 -3.24
C GLN D 19 11.59 11.09 -2.53
N VAL D 20 12.31 12.22 -2.47
CA VAL D 20 13.55 12.36 -1.74
C VAL D 20 13.46 13.53 -0.77
N ILE D 21 14.08 13.35 0.40
CA ILE D 21 14.14 14.34 1.48
C ILE D 21 15.59 14.54 1.87
N LEU D 22 15.98 15.79 2.11
CA LEU D 22 17.35 16.15 2.49
C LEU D 22 17.39 16.56 3.96
N VAL D 23 18.54 16.29 4.58
CA VAL D 23 18.74 16.61 5.99
C VAL D 23 20.06 17.37 6.15
#